data_3NJC
#
_entry.id   3NJC
#
_cell.length_a   49.827
_cell.length_b   52.105
_cell.length_c   136.868
_cell.angle_alpha   90.00
_cell.angle_beta   90.00
_cell.angle_gamma   90.00
#
_symmetry.space_group_name_H-M   'P 21 21 21'
#
loop_
_entity.id
_entity.type
_entity.pdbx_description
1 polymer 'YSLB protein'
2 water water
#
_entity_poly.entity_id   1
_entity_poly.type   'polypeptide(L)'
_entity_poly.pdbx_seq_one_letter_code
;(MSE)GHHHHHHSH(MSE)KSKFEASIDNLKEIE(MSE)NAYAYELIREIVLPD(MSE)LGQDYSS(MSE)(MSE)YWAG
KHLARKFPLESWEEFPAFFEEAGWGTLTNVSAKKQELEFELEGPIISNRLKHQKEPCFQLEAGFIAEQIQL(MSE)NDQI
AESYEQVKKRADKVVLTVKWD(MSE)KDPV
;
_entity_poly.pdbx_strand_id   A,B
#
# COMPACT_ATOMS: atom_id res chain seq x y z
N HIS A 3 22.08 -20.54 12.41
CA HIS A 3 20.93 -19.65 12.52
C HIS A 3 20.22 -19.87 13.85
N HIS A 4 20.56 -19.05 14.85
CA HIS A 4 19.97 -19.17 16.17
C HIS A 4 18.91 -18.10 16.37
N HIS A 5 17.67 -18.46 16.06
CA HIS A 5 16.55 -17.56 16.33
C HIS A 5 15.26 -18.36 16.35
N HIS A 6 14.47 -18.17 17.40
CA HIS A 6 13.16 -18.79 17.50
C HIS A 6 12.11 -17.93 16.78
N HIS A 7 11.62 -18.42 15.65
CA HIS A 7 10.59 -17.72 14.90
C HIS A 7 9.20 -18.00 15.49
N HIS A 8 8.49 -16.94 15.87
CA HIS A 8 7.14 -17.09 16.40
C HIS A 8 6.22 -15.97 15.94
N SER A 9 4.92 -16.26 15.85
CA SER A 9 3.95 -15.27 15.40
C SER A 9 3.66 -14.31 16.55
N HIS A 10 2.90 -13.27 16.26
CA HIS A 10 2.40 -12.41 17.33
C HIS A 10 1.05 -11.78 16.97
N MSE A 11 0.29 -11.43 18.01
CA MSE A 11 -1.10 -11.01 17.87
C MSE A 11 -1.33 -9.79 16.97
O MSE A 11 -0.57 -8.82 17.01
CB MSE A 11 -1.71 -10.76 19.26
N LYS A 12 -2.40 -9.85 16.18
CA LYS A 12 -2.87 -8.69 15.44
C LYS A 12 -3.54 -7.69 16.37
N SER A 13 -3.47 -6.41 16.00
CA SER A 13 -4.24 -5.38 16.69
C SER A 13 -5.69 -5.50 16.26
N LYS A 14 -6.58 -4.78 16.94
CA LYS A 14 -7.99 -4.80 16.60
C LYS A 14 -8.19 -4.33 15.16
N PHE A 15 -7.46 -3.30 14.77
CA PHE A 15 -7.55 -2.87 13.37
C PHE A 15 -7.05 -3.92 12.38
N GLU A 16 -5.90 -4.52 12.68
CA GLU A 16 -5.33 -5.54 11.81
C GLU A 16 -6.30 -6.71 11.61
N ALA A 17 -6.99 -7.10 12.67
CA ALA A 17 -7.97 -8.16 12.57
C ALA A 17 -9.20 -7.74 11.76
N SER A 18 -9.55 -6.45 11.81
CA SER A 18 -10.80 -5.98 11.22
C SER A 18 -10.80 -5.97 9.70
N ILE A 19 -9.62 -5.91 9.09
CA ILE A 19 -9.58 -5.76 7.64
C ILE A 19 -10.09 -6.98 6.90
N ASP A 20 -10.18 -8.12 7.59
CA ASP A 20 -10.73 -9.33 6.97
C ASP A 20 -12.15 -9.07 6.47
N ASN A 21 -12.87 -8.19 7.15
CA ASN A 21 -14.26 -7.92 6.82
C ASN A 21 -14.43 -7.05 5.59
N LEU A 22 -13.31 -6.62 5.01
CA LEU A 22 -13.32 -5.70 3.89
C LEU A 22 -13.05 -6.42 2.56
N LYS A 23 -12.95 -7.74 2.59
CA LYS A 23 -12.63 -8.52 1.40
C LYS A 23 -13.69 -8.39 0.29
N GLU A 24 -14.93 -8.05 0.67
CA GLU A 24 -16.02 -7.97 -0.29
C GLU A 24 -16.23 -6.56 -0.84
N ILE A 25 -15.49 -5.58 -0.34
CA ILE A 25 -15.61 -4.20 -0.81
C ILE A 25 -14.71 -3.99 -2.02
N GLU A 26 -15.29 -3.53 -3.12
CA GLU A 26 -14.58 -3.43 -4.39
C GLU A 26 -13.87 -2.10 -4.56
N MSE A 27 -12.59 -2.17 -4.90
CA MSE A 27 -11.84 -0.99 -5.28
C MSE A 27 -11.18 -1.26 -6.63
O MSE A 27 -11.65 -2.10 -7.38
CB MSE A 27 -10.79 -0.66 -4.22
CG MSE A 27 -11.41 -0.23 -2.90
SE MSE A 27 -10.03 0.05 -1.56
CE MSE A 27 -9.14 1.55 -2.42
N ASN A 28 -10.12 -0.53 -6.95
CA ASN A 28 -9.45 -0.80 -8.22
C ASN A 28 -7.93 -0.84 -8.10
N ALA A 29 -7.29 -1.42 -9.11
CA ALA A 29 -5.85 -1.68 -9.09
C ALA A 29 -5.04 -0.41 -9.25
N TYR A 30 -5.66 0.61 -9.84
CA TYR A 30 -5.01 1.91 -9.93
C TYR A 30 -4.78 2.49 -8.54
N ALA A 31 -5.82 2.46 -7.71
CA ALA A 31 -5.71 2.94 -6.33
C ALA A 31 -4.62 2.17 -5.57
N TYR A 32 -4.55 0.87 -5.83
CA TYR A 32 -3.56 0.03 -5.17
C TYR A 32 -2.13 0.39 -5.58
N GLU A 33 -1.89 0.52 -6.89
CA GLU A 33 -0.56 0.85 -7.37
C GLU A 33 -0.12 2.25 -6.92
N LEU A 34 -1.08 3.16 -6.79
CA LEU A 34 -0.79 4.52 -6.38
C LEU A 34 -0.06 4.51 -5.04
N ILE A 35 -0.50 3.62 -4.14
CA ILE A 35 0.16 3.47 -2.85
C ILE A 35 1.41 2.61 -2.93
N ARG A 36 1.26 1.40 -3.45
CA ARG A 36 2.36 0.44 -3.37
C ARG A 36 3.56 0.79 -4.26
N GLU A 37 3.29 1.38 -5.42
CA GLU A 37 4.32 1.53 -6.45
C GLU A 37 4.61 2.98 -6.81
N ILE A 38 3.95 3.91 -6.14
CA ILE A 38 4.28 5.33 -6.30
C ILE A 38 4.60 5.98 -4.97
N VAL A 39 3.61 6.03 -4.07
CA VAL A 39 3.80 6.68 -2.78
C VAL A 39 4.94 6.04 -1.96
N LEU A 40 4.90 4.72 -1.84
CA LEU A 40 5.92 4.03 -1.04
C LEU A 40 7.36 4.22 -1.59
N PRO A 41 7.58 3.92 -2.88
CA PRO A 41 8.94 4.15 -3.40
C PRO A 41 9.36 5.62 -3.35
N ASP A 42 8.41 6.53 -3.52
CA ASP A 42 8.71 7.95 -3.40
C ASP A 42 9.28 8.29 -2.02
N MSE A 43 8.66 7.76 -0.97
CA MSE A 43 9.12 8.03 0.40
C MSE A 43 10.37 7.25 0.79
O MSE A 43 11.20 7.75 1.54
CB MSE A 43 8.01 7.69 1.42
CG MSE A 43 6.75 8.48 1.18
SE MSE A 43 5.47 8.21 2.61
CE MSE A 43 5.01 6.34 2.28
N LEU A 44 10.52 6.04 0.26
CA LEU A 44 11.59 5.17 0.74
C LEU A 44 12.86 5.17 -0.13
N GLY A 45 12.74 5.58 -1.38
CA GLY A 45 13.87 5.65 -2.28
C GLY A 45 14.72 4.39 -2.33
N GLN A 46 16.02 4.56 -2.13
CA GLN A 46 16.96 3.47 -2.34
C GLN A 46 16.81 2.33 -1.33
N ASP A 47 16.09 2.60 -0.24
CA ASP A 47 15.96 1.58 0.80
C ASP A 47 14.69 0.74 0.68
N TYR A 48 13.88 1.07 -0.31
CA TYR A 48 12.59 0.40 -0.53
C TYR A 48 12.73 -1.11 -0.57
N SER A 49 13.73 -1.62 -1.29
CA SER A 49 13.87 -3.06 -1.46
C SER A 49 14.10 -3.79 -0.13
N SER A 50 15.08 -3.33 0.64
CA SER A 50 15.42 -4.00 1.89
C SER A 50 14.26 -3.84 2.87
N MSE A 51 13.63 -2.68 2.86
CA MSE A 51 12.56 -2.42 3.81
C MSE A 51 11.32 -3.27 3.53
O MSE A 51 10.65 -3.74 4.46
CB MSE A 51 12.23 -0.92 3.87
CG MSE A 51 13.38 -0.09 4.48
SE MSE A 51 12.93 1.80 4.33
CE MSE A 51 14.45 2.71 5.08
N MSE A 52 11.02 -3.49 2.26
CA MSE A 52 9.90 -4.34 1.87
C MSE A 52 10.15 -5.80 2.22
O MSE A 52 9.24 -6.52 2.65
CB MSE A 52 9.57 -4.19 0.38
CG MSE A 52 8.89 -2.86 0.07
SE MSE A 52 7.01 -2.80 0.66
CE MSE A 52 7.06 -3.81 2.31
N TYR A 53 11.38 -6.24 2.02
CA TYR A 53 11.77 -7.60 2.40
C TYR A 53 11.43 -7.84 3.86
N TRP A 54 11.92 -6.98 4.74
CA TRP A 54 11.68 -7.17 6.17
C TRP A 54 10.21 -6.88 6.55
N ALA A 55 9.55 -5.98 5.83
CA ALA A 55 8.11 -5.76 6.08
C ALA A 55 7.34 -7.03 5.76
N GLY A 56 7.79 -7.76 4.74
CA GLY A 56 7.20 -9.03 4.39
C GLY A 56 7.33 -10.05 5.52
N LYS A 57 8.51 -10.10 6.13
CA LYS A 57 8.72 -11.01 7.26
C LYS A 57 7.88 -10.58 8.46
N HIS A 58 7.85 -9.28 8.72
CA HIS A 58 7.06 -8.76 9.85
C HIS A 58 5.58 -9.11 9.64
N LEU A 59 5.13 -9.00 8.40
CA LEU A 59 3.73 -9.26 8.07
C LEU A 59 3.39 -10.73 8.28
N ALA A 60 4.31 -11.62 7.89
CA ALA A 60 4.13 -13.06 8.08
C ALA A 60 3.88 -13.37 9.55
N ARG A 61 4.61 -12.70 10.44
CA ARG A 61 4.47 -12.95 11.87
C ARG A 61 3.07 -12.58 12.39
N LYS A 62 2.44 -11.59 11.75
CA LYS A 62 1.09 -11.17 12.14
C LYS A 62 -0.01 -12.01 11.49
N PHE A 63 0.30 -12.54 10.30
CA PHE A 63 -0.62 -13.35 9.52
C PHE A 63 -0.02 -14.73 9.30
N PRO A 64 0.25 -15.47 10.39
CA PRO A 64 0.89 -16.77 10.21
C PRO A 64 -0.04 -17.74 9.53
N LEU A 65 0.52 -18.55 8.63
CA LEU A 65 -0.25 -19.60 7.97
C LEU A 65 0.21 -20.93 8.53
N GLU A 66 -0.53 -21.99 8.24
CA GLU A 66 -0.28 -23.28 8.87
C GLU A 66 0.50 -24.23 7.98
N SER A 67 0.31 -24.10 6.67
CA SER A 67 1.00 -24.99 5.72
C SER A 67 1.28 -24.29 4.39
N TRP A 68 2.20 -24.85 3.63
CA TRP A 68 2.64 -24.23 2.37
C TRP A 68 1.47 -24.07 1.40
N GLU A 69 0.55 -25.03 1.43
CA GLU A 69 -0.59 -25.05 0.52
C GLU A 69 -1.42 -23.76 0.60
N GLU A 70 -1.29 -23.01 1.69
CA GLU A 70 -2.06 -21.80 1.91
C GLU A 70 -1.49 -20.56 1.21
N PHE A 71 -0.28 -20.67 0.66
CA PHE A 71 0.35 -19.49 0.05
C PHE A 71 -0.44 -18.92 -1.14
N PRO A 72 -0.86 -19.77 -2.08
CA PRO A 72 -1.55 -19.19 -3.23
C PRO A 72 -2.80 -18.38 -2.84
N ALA A 73 -3.66 -18.93 -1.97
CA ALA A 73 -4.85 -18.20 -1.58
C ALA A 73 -4.54 -16.88 -0.88
N PHE A 74 -3.55 -16.87 0.00
CA PHE A 74 -3.17 -15.62 0.66
C PHE A 74 -2.72 -14.58 -0.37
N PHE A 75 -1.86 -15.01 -1.29
CA PHE A 75 -1.33 -14.09 -2.30
C PHE A 75 -2.47 -13.50 -3.12
N GLU A 76 -3.41 -14.33 -3.54
CA GLU A 76 -4.49 -13.87 -4.40
C GLU A 76 -5.36 -12.84 -3.68
N GLU A 77 -5.76 -13.18 -2.45
CA GLU A 77 -6.60 -12.31 -1.65
C GLU A 77 -5.91 -11.00 -1.31
N ALA A 78 -4.59 -11.05 -1.15
CA ALA A 78 -3.81 -9.86 -0.80
C ALA A 78 -3.54 -8.97 -2.00
N GLY A 79 -4.00 -9.39 -3.16
CA GLY A 79 -3.75 -8.63 -4.38
C GLY A 79 -2.32 -8.73 -4.88
N TRP A 80 -1.59 -9.75 -4.45
CA TRP A 80 -0.20 -9.90 -4.85
C TRP A 80 -0.06 -10.65 -6.16
N GLY A 81 -1.14 -11.27 -6.61
CA GLY A 81 -1.15 -11.97 -7.88
C GLY A 81 -1.43 -13.45 -7.78
N THR A 82 -1.39 -14.12 -8.93
CA THR A 82 -1.64 -15.56 -9.00
C THR A 82 -0.33 -16.32 -8.88
N LEU A 83 -0.23 -17.08 -7.80
CA LEU A 83 0.97 -17.80 -7.42
C LEU A 83 0.77 -19.27 -7.73
N THR A 84 1.55 -19.79 -8.67
CA THR A 84 1.45 -21.18 -9.06
C THR A 84 2.71 -21.94 -8.67
N ASN A 85 2.54 -23.14 -8.13
CA ASN A 85 3.72 -23.93 -7.76
C ASN A 85 4.33 -24.69 -8.93
N VAL A 86 5.60 -24.42 -9.21
CA VAL A 86 6.33 -25.17 -10.23
C VAL A 86 7.15 -26.32 -9.60
N SER A 87 7.71 -26.06 -8.42
CA SER A 87 8.47 -27.09 -7.70
C SER A 87 8.20 -27.04 -6.20
N ALA A 88 7.99 -28.19 -5.59
CA ALA A 88 7.79 -28.24 -4.15
C ALA A 88 8.59 -29.41 -3.60
N LYS A 89 9.82 -29.13 -3.20
CA LYS A 89 10.74 -30.15 -2.72
C LYS A 89 10.98 -29.96 -1.23
N LYS A 90 11.64 -30.92 -0.61
CA LYS A 90 11.78 -30.90 0.84
C LYS A 90 12.35 -29.56 1.34
N GLN A 91 13.32 -29.03 0.62
CA GLN A 91 13.99 -27.81 1.08
C GLN A 91 14.05 -26.71 0.02
N GLU A 92 13.08 -26.70 -0.88
CA GLU A 92 13.06 -25.70 -1.93
C GLU A 92 11.66 -25.54 -2.52
N LEU A 93 11.20 -24.30 -2.60
CA LEU A 93 9.91 -23.99 -3.21
C LEU A 93 10.15 -23.05 -4.37
N GLU A 94 9.51 -23.33 -5.49
CA GLU A 94 9.55 -22.42 -6.63
C GLU A 94 8.14 -22.12 -7.11
N PHE A 95 7.82 -20.84 -7.23
CA PHE A 95 6.49 -20.40 -7.67
C PHE A 95 6.61 -19.43 -8.83
N GLU A 96 5.64 -19.49 -9.73
CA GLU A 96 5.43 -18.42 -10.70
C GLU A 96 4.41 -17.46 -10.10
N LEU A 97 4.53 -16.17 -10.43
CA LEU A 97 3.62 -15.19 -9.90
C LEU A 97 3.26 -14.28 -11.08
N GLU A 98 1.97 -14.14 -11.35
CA GLU A 98 1.61 -13.27 -12.46
C GLU A 98 0.20 -12.72 -12.37
N GLY A 99 -0.15 -11.89 -13.34
CA GLY A 99 -1.43 -11.22 -13.38
C GLY A 99 -1.29 -9.88 -14.06
N PRO A 100 -2.42 -9.23 -14.38
CA PRO A 100 -2.40 -7.99 -15.16
C PRO A 100 -1.60 -6.86 -14.51
N ILE A 101 -1.62 -6.77 -13.18
CA ILE A 101 -0.88 -5.70 -12.52
C ILE A 101 0.61 -5.96 -12.62
N ILE A 102 0.99 -7.22 -12.43
CA ILE A 102 2.38 -7.61 -12.56
C ILE A 102 2.86 -7.43 -13.99
N SER A 103 2.03 -7.82 -14.97
CA SER A 103 2.42 -7.64 -16.36
C SER A 103 2.70 -6.17 -16.67
N ASN A 104 1.93 -5.28 -16.07
CA ASN A 104 2.11 -3.85 -16.32
C ASN A 104 3.40 -3.35 -15.68
N ARG A 105 3.72 -3.88 -14.51
CA ARG A 105 5.00 -3.56 -13.87
C ARG A 105 6.18 -4.03 -14.72
N LEU A 106 6.10 -5.26 -15.22
CA LEU A 106 7.22 -5.82 -15.97
C LEU A 106 7.47 -5.05 -17.26
N LYS A 107 6.39 -4.53 -17.84
CA LYS A 107 6.46 -3.80 -19.10
C LYS A 107 7.06 -2.41 -18.94
N HIS A 108 6.69 -1.72 -17.86
CA HIS A 108 7.01 -0.29 -17.73
C HIS A 108 8.03 0.09 -16.64
N GLN A 109 8.37 -0.84 -15.76
CA GLN A 109 9.40 -0.58 -14.74
C GLN A 109 10.72 -1.22 -15.17
N LYS A 110 11.84 -0.58 -14.83
CA LYS A 110 13.14 -1.14 -15.17
C LYS A 110 13.36 -2.48 -14.47
N GLU A 111 13.17 -2.49 -13.16
CA GLU A 111 13.25 -3.73 -12.38
C GLU A 111 12.21 -3.77 -11.26
N PRO A 112 11.06 -4.37 -11.53
CA PRO A 112 10.03 -4.53 -10.51
C PRO A 112 10.59 -5.21 -9.26
N CYS A 113 9.96 -4.96 -8.12
CA CYS A 113 10.44 -5.48 -6.85
C CYS A 113 9.39 -6.40 -6.25
N PHE A 114 9.82 -7.58 -5.81
CA PHE A 114 8.92 -8.49 -5.11
C PHE A 114 9.51 -8.97 -3.78
N GLN A 115 10.23 -8.08 -3.11
CA GLN A 115 10.84 -8.43 -1.82
C GLN A 115 9.80 -8.63 -0.71
N LEU A 116 8.67 -7.92 -0.81
CA LEU A 116 7.60 -8.10 0.16
C LEU A 116 7.13 -9.56 0.14
N GLU A 117 6.86 -10.04 -1.07
CA GLU A 117 6.41 -11.41 -1.29
C GLU A 117 7.50 -12.44 -0.88
N ALA A 118 8.74 -12.17 -1.26
CA ALA A 118 9.87 -13.06 -0.93
C ALA A 118 10.06 -13.19 0.57
N GLY A 119 10.06 -12.05 1.26
CA GLY A 119 10.22 -12.05 2.71
C GLY A 119 9.07 -12.77 3.41
N PHE A 120 7.86 -12.53 2.91
CA PHE A 120 6.67 -13.17 3.49
C PHE A 120 6.81 -14.68 3.42
N ILE A 121 7.14 -15.21 2.25
CA ILE A 121 7.28 -16.67 2.10
C ILE A 121 8.40 -17.21 2.99
N ALA A 122 9.56 -16.54 2.97
CA ALA A 122 10.71 -16.98 3.75
C ALA A 122 10.36 -17.08 5.24
N GLU A 123 9.71 -16.04 5.76
CA GLU A 123 9.36 -16.03 7.17
C GLU A 123 8.28 -17.05 7.51
N GLN A 124 7.29 -17.21 6.63
CA GLN A 124 6.27 -18.24 6.87
C GLN A 124 6.90 -19.63 7.01
N ILE A 125 7.81 -19.96 6.11
CA ILE A 125 8.46 -21.27 6.11
C ILE A 125 9.16 -21.50 7.44
N GLN A 126 9.79 -20.46 7.97
CA GLN A 126 10.52 -20.58 9.23
C GLN A 126 9.59 -20.64 10.47
N LEU A 127 8.50 -19.89 10.44
CA LEU A 127 7.50 -19.92 11.50
C LEU A 127 6.93 -21.31 11.64
N MSE A 128 6.77 -21.99 10.52
CA MSE A 128 6.15 -23.31 10.52
C MSE A 128 7.11 -24.41 10.98
O MSE A 128 6.68 -25.45 11.47
CB MSE A 128 5.66 -23.65 9.12
CG MSE A 128 4.55 -22.77 8.63
SE MSE A 128 4.23 -23.22 6.78
CE MSE A 128 3.14 -21.67 6.31
N ASN A 129 8.41 -24.17 10.82
CA ASN A 129 9.38 -25.23 11.11
C ASN A 129 10.64 -24.72 11.79
N ASP A 130 10.74 -24.94 13.10
CA ASP A 130 11.86 -24.45 13.88
C ASP A 130 13.18 -25.17 13.59
N GLN A 131 13.15 -26.15 12.70
CA GLN A 131 14.36 -26.86 12.30
C GLN A 131 15.02 -26.28 11.05
N ILE A 132 14.36 -25.27 10.45
CA ILE A 132 14.93 -24.59 9.29
C ILE A 132 15.95 -23.56 9.76
N ALA A 133 17.15 -23.63 9.18
CA ALA A 133 18.22 -22.74 9.59
C ALA A 133 18.11 -21.37 8.92
N GLU A 134 18.69 -21.25 7.73
CA GLU A 134 18.61 -20.01 6.98
C GLU A 134 17.98 -20.28 5.63
N SER A 135 17.30 -19.30 5.07
CA SER A 135 16.77 -19.45 3.72
C SER A 135 17.43 -18.45 2.79
N TYR A 136 17.30 -18.72 1.50
CA TYR A 136 17.83 -17.86 0.45
C TYR A 136 16.72 -17.71 -0.55
N GLU A 137 16.52 -16.48 -1.03
CA GLU A 137 15.41 -16.21 -1.92
C GLU A 137 15.91 -15.65 -3.25
N GLN A 138 15.23 -16.01 -4.32
CA GLN A 138 15.53 -15.46 -5.64
C GLN A 138 14.24 -14.95 -6.28
N VAL A 139 14.30 -13.78 -6.89
CA VAL A 139 13.19 -13.28 -7.70
C VAL A 139 13.69 -13.05 -9.12
N LYS A 140 13.22 -13.89 -10.04
CA LYS A 140 13.70 -13.88 -11.42
C LYS A 140 12.61 -13.34 -12.32
N LYS A 141 12.97 -12.35 -13.14
CA LYS A 141 12.02 -11.75 -14.05
C LYS A 141 11.97 -12.54 -15.34
N ARG A 142 10.76 -12.91 -15.75
CA ARG A 142 10.56 -13.47 -17.08
C ARG A 142 9.71 -12.50 -17.90
N ALA A 143 9.36 -12.88 -19.12
CA ALA A 143 8.67 -11.98 -20.03
C ALA A 143 7.31 -11.53 -19.50
N ASP A 144 6.55 -12.48 -18.94
CA ASP A 144 5.19 -12.21 -18.55
C ASP A 144 4.87 -12.68 -17.14
N LYS A 145 5.91 -12.92 -16.36
CA LYS A 145 5.72 -13.40 -14.99
C LYS A 145 7.03 -13.30 -14.22
N VAL A 146 6.96 -13.45 -12.91
CA VAL A 146 8.19 -13.59 -12.13
C VAL A 146 8.20 -14.94 -11.45
N VAL A 147 9.40 -15.41 -11.14
CA VAL A 147 9.56 -16.69 -10.49
C VAL A 147 10.16 -16.39 -9.13
N LEU A 148 9.49 -16.87 -8.08
CA LEU A 148 9.98 -16.71 -6.72
C LEU A 148 10.51 -18.05 -6.28
N THR A 149 11.78 -18.10 -5.88
CA THR A 149 12.38 -19.33 -5.37
C THR A 149 12.92 -19.12 -3.96
N VAL A 150 12.54 -20.02 -3.06
CA VAL A 150 13.05 -19.99 -1.70
C VAL A 150 13.62 -21.37 -1.40
N LYS A 151 14.86 -21.40 -0.94
CA LYS A 151 15.49 -22.66 -0.60
C LYS A 151 16.15 -22.49 0.75
N TRP A 152 16.46 -23.60 1.43
CA TRP A 152 16.98 -23.45 2.78
C TRP A 152 17.78 -24.67 3.26
N ASP A 153 18.53 -24.45 4.32
CA ASP A 153 19.27 -25.52 4.98
C ASP A 153 18.58 -25.86 6.30
N MSE A 154 18.74 -27.10 6.75
CA MSE A 154 18.23 -27.50 8.06
C MSE A 154 19.28 -27.17 9.11
O MSE A 154 20.48 -27.17 8.81
CB MSE A 154 17.93 -28.99 8.10
CG MSE A 154 17.03 -29.50 6.99
SE MSE A 154 15.46 -28.38 6.76
CE MSE A 154 14.12 -29.75 6.56
N LYS A 155 18.85 -26.88 10.33
CA LYS A 155 19.80 -26.63 11.40
C LYS A 155 19.98 -27.86 12.26
N HIS B 8 7.36 18.32 -5.96
CA HIS B 8 8.74 18.15 -6.41
C HIS B 8 8.80 18.18 -7.94
N SER B 9 8.55 17.02 -8.57
CA SER B 9 8.56 16.95 -10.03
C SER B 9 7.15 16.88 -10.61
N HIS B 10 6.90 17.57 -11.72
CA HIS B 10 5.58 17.50 -12.33
C HIS B 10 5.48 16.54 -13.52
N MSE B 11 6.51 15.72 -13.73
CA MSE B 11 6.40 14.70 -14.78
C MSE B 11 6.42 13.27 -14.24
O MSE B 11 7.29 12.90 -13.45
CB MSE B 11 7.42 14.91 -15.91
CG MSE B 11 8.90 14.89 -15.54
SE MSE B 11 10.00 15.19 -17.14
CE MSE B 11 9.11 16.77 -17.78
N LYS B 12 5.43 12.49 -14.68
CA LYS B 12 5.37 11.08 -14.32
C LYS B 12 6.44 10.26 -15.06
N SER B 13 6.86 9.16 -14.45
CA SER B 13 7.63 8.18 -15.17
C SER B 13 6.64 7.46 -16.09
N LYS B 14 7.17 6.72 -17.05
CA LYS B 14 6.32 5.92 -17.93
C LYS B 14 5.47 4.95 -17.10
N PHE B 15 6.06 4.32 -16.10
CA PHE B 15 5.25 3.42 -15.27
C PHE B 15 4.13 4.17 -14.54
N GLU B 16 4.46 5.32 -13.96
CA GLU B 16 3.46 6.10 -13.25
C GLU B 16 2.30 6.50 -14.16
N ALA B 17 2.60 6.78 -15.43
CA ALA B 17 1.55 7.14 -16.36
C ALA B 17 0.71 5.90 -16.69
N SER B 18 1.35 4.74 -16.68
CA SER B 18 0.73 3.50 -17.13
C SER B 18 -0.35 3.00 -16.17
N ILE B 19 -0.33 3.43 -14.92
CA ILE B 19 -1.31 2.87 -14.00
C ILE B 19 -2.73 3.35 -14.30
N ASP B 20 -2.87 4.32 -15.19
CA ASP B 20 -4.20 4.75 -15.64
C ASP B 20 -5.00 3.61 -16.23
N ASN B 21 -4.35 2.71 -16.95
CA ASN B 21 -5.11 1.61 -17.55
C ASN B 21 -5.36 0.45 -16.58
N LEU B 22 -5.14 0.68 -15.29
CA LEU B 22 -5.52 -0.29 -14.27
C LEU B 22 -6.81 0.14 -13.58
N LYS B 23 -7.37 1.27 -14.00
CA LYS B 23 -8.52 1.82 -13.30
C LYS B 23 -9.75 0.92 -13.35
N GLU B 24 -9.81 0.05 -14.35
CA GLU B 24 -10.95 -0.87 -14.47
C GLU B 24 -10.61 -2.30 -14.06
N ILE B 25 -9.44 -2.48 -13.44
CA ILE B 25 -9.04 -3.77 -12.92
C ILE B 25 -9.43 -3.85 -11.44
N GLU B 26 -10.14 -4.91 -11.06
CA GLU B 26 -10.64 -5.02 -9.70
C GLU B 26 -9.55 -5.26 -8.64
N MSE B 27 -9.82 -4.77 -7.43
CA MSE B 27 -8.95 -4.98 -6.30
C MSE B 27 -9.81 -4.82 -5.06
O MSE B 27 -10.58 -3.87 -4.96
CB MSE B 27 -7.83 -3.95 -6.25
CG MSE B 27 -6.92 -4.04 -5.02
SE MSE B 27 -5.84 -5.67 -5.03
CE MSE B 27 -4.92 -5.33 -6.70
N ASN B 28 -9.71 -5.75 -4.11
CA ASN B 28 -10.57 -5.66 -2.93
C ASN B 28 -9.96 -4.75 -1.86
N ALA B 29 -10.80 -4.28 -0.94
CA ALA B 29 -10.35 -3.31 0.07
C ALA B 29 -9.43 -3.91 1.16
N TYR B 30 -9.55 -5.21 1.40
CA TYR B 30 -8.63 -5.89 2.30
C TYR B 30 -7.20 -5.79 1.80
N ALA B 31 -6.99 -6.11 0.52
CA ALA B 31 -5.66 -6.03 -0.07
C ALA B 31 -5.10 -4.62 0.03
N TYR B 32 -5.97 -3.63 -0.20
CA TYR B 32 -5.56 -2.24 -0.15
C TYR B 32 -5.14 -1.82 1.27
N GLU B 33 -5.98 -2.12 2.26
CA GLU B 33 -5.64 -1.82 3.64
C GLU B 33 -4.40 -2.59 4.11
N LEU B 34 -4.22 -3.79 3.61
CA LEU B 34 -3.02 -4.57 3.98
C LEU B 34 -1.76 -3.78 3.63
N ILE B 35 -1.69 -3.20 2.43
CA ILE B 35 -0.51 -2.41 2.10
C ILE B 35 -0.53 -1.03 2.76
N ARG B 36 -1.66 -0.34 2.70
CA ARG B 36 -1.68 1.05 3.09
C ARG B 36 -1.68 1.27 4.62
N GLU B 37 -2.32 0.37 5.35
CA GLU B 37 -2.55 0.60 6.77
C GLU B 37 -1.84 -0.41 7.68
N ILE B 38 -1.21 -1.43 7.09
CA ILE B 38 -0.45 -2.40 7.87
C ILE B 38 1.02 -2.37 7.49
N VAL B 39 1.32 -2.65 6.23
CA VAL B 39 2.71 -2.64 5.77
C VAL B 39 3.31 -1.24 5.86
N LEU B 40 2.61 -0.25 5.28
CA LEU B 40 3.16 1.10 5.17
C LEU B 40 3.53 1.72 6.53
N PRO B 41 2.62 1.67 7.52
CA PRO B 41 2.97 2.27 8.81
C PRO B 41 4.13 1.57 9.50
N ASP B 42 4.28 0.26 9.28
CA ASP B 42 5.37 -0.49 9.89
C ASP B 42 6.72 -0.06 9.29
N MSE B 43 6.66 0.52 8.10
CA MSE B 43 7.87 1.05 7.49
C MSE B 43 8.10 2.52 7.80
O MSE B 43 9.23 3.01 7.67
CB MSE B 43 7.86 0.79 5.98
CG MSE B 43 8.05 -0.68 5.65
SE MSE B 43 8.03 -1.00 3.77
CE MSE B 43 6.32 -0.26 3.30
N LEU B 44 7.03 3.21 8.21
CA LEU B 44 7.09 4.59 8.65
C LEU B 44 6.50 4.65 10.05
N GLY B 45 7.33 4.49 11.06
CA GLY B 45 6.86 4.55 12.43
C GLY B 45 6.49 5.93 12.91
N GLN B 46 7.15 6.38 13.97
CA GLN B 46 6.81 7.65 14.62
C GLN B 46 6.43 8.73 13.61
N ASP B 47 7.43 9.20 12.86
CA ASP B 47 7.22 10.29 11.93
C ASP B 47 6.62 9.80 10.61
N TYR B 48 5.44 9.19 10.71
CA TYR B 48 4.64 8.74 9.58
C TYR B 48 3.95 9.95 8.95
N SER B 49 3.59 10.92 9.78
CA SER B 49 2.78 12.04 9.31
C SER B 49 3.53 13.02 8.40
N SER B 50 4.75 13.43 8.78
CA SER B 50 5.51 14.35 7.93
C SER B 50 5.81 13.74 6.56
N MSE B 51 6.14 12.45 6.55
CA MSE B 51 6.47 11.73 5.32
C MSE B 51 5.26 11.64 4.40
O MSE B 51 5.38 11.81 3.18
CB MSE B 51 6.92 10.32 5.67
CG MSE B 51 8.27 10.24 6.34
SE MSE B 51 9.72 10.11 5.05
CE MSE B 51 9.83 11.95 4.50
N MSE B 52 4.12 11.32 5.00
CA MSE B 52 2.92 11.15 4.20
C MSE B 52 2.43 12.51 3.68
O MSE B 52 1.92 12.59 2.57
CB MSE B 52 1.82 10.43 4.98
CG MSE B 52 2.04 8.90 5.05
SE MSE B 52 1.75 8.03 3.32
CE MSE B 52 0.03 7.17 3.65
N TYR B 53 2.64 13.57 4.46
CA TYR B 53 2.23 14.92 4.03
C TYR B 53 3.06 15.31 2.81
N TRP B 54 4.38 15.09 2.88
CA TRP B 54 5.27 15.36 1.76
C TRP B 54 4.89 14.51 0.54
N ALA B 55 4.60 13.24 0.77
CA ALA B 55 4.23 12.33 -0.30
C ALA B 55 2.97 12.81 -1.03
N GLY B 56 2.00 13.32 -0.26
CA GLY B 56 0.78 13.87 -0.85
C GLY B 56 1.07 15.04 -1.78
N LYS B 57 1.96 15.93 -1.35
CA LYS B 57 2.37 17.04 -2.19
C LYS B 57 3.11 16.55 -3.43
N HIS B 58 3.96 15.55 -3.24
CA HIS B 58 4.80 15.03 -4.31
C HIS B 58 3.88 14.40 -5.35
N LEU B 59 2.83 13.74 -4.88
CA LEU B 59 1.85 13.11 -5.75
C LEU B 59 1.08 14.18 -6.54
N ALA B 60 0.69 15.25 -5.84
CA ALA B 60 -0.08 16.31 -6.46
C ALA B 60 0.67 16.92 -7.62
N ARG B 61 1.98 17.10 -7.45
CA ARG B 61 2.78 17.76 -8.50
C ARG B 61 2.81 16.98 -9.82
N LYS B 62 2.71 15.65 -9.77
CA LYS B 62 2.74 14.87 -11.01
C LYS B 62 1.36 14.34 -11.42
N PHE B 63 0.38 14.51 -10.54
CA PHE B 63 -1.03 14.28 -10.88
C PHE B 63 -1.81 15.60 -10.77
N PRO B 64 -1.39 16.62 -11.52
CA PRO B 64 -2.03 17.94 -11.37
C PRO B 64 -3.53 17.94 -11.71
N LEU B 65 -4.29 18.72 -10.96
CA LEU B 65 -5.71 18.92 -11.27
C LEU B 65 -5.96 20.40 -11.51
N GLU B 66 -6.84 20.70 -12.46
CA GLU B 66 -7.09 22.07 -12.87
C GLU B 66 -7.92 22.86 -11.87
N SER B 67 -8.81 22.19 -11.14
CA SER B 67 -9.70 22.88 -10.21
C SER B 67 -9.99 22.00 -9.01
N TRP B 68 -10.32 22.64 -7.89
CA TRP B 68 -10.57 21.88 -6.68
C TRP B 68 -11.89 21.12 -6.78
N GLU B 69 -12.72 21.51 -7.74
CA GLU B 69 -13.97 20.79 -7.97
C GLU B 69 -13.70 19.37 -8.48
N GLU B 70 -12.47 19.12 -8.90
CA GLU B 70 -12.07 17.78 -9.35
C GLU B 70 -11.59 16.88 -8.22
N PHE B 71 -11.41 17.44 -7.03
CA PHE B 71 -10.90 16.64 -5.91
C PHE B 71 -11.78 15.41 -5.61
N PRO B 72 -13.10 15.59 -5.55
CA PRO B 72 -13.93 14.42 -5.19
C PRO B 72 -13.76 13.23 -6.15
N ALA B 73 -13.78 13.48 -7.46
CA ALA B 73 -13.60 12.41 -8.42
C ALA B 73 -12.23 11.75 -8.27
N PHE B 74 -11.21 12.57 -8.03
CA PHE B 74 -9.87 12.02 -7.88
C PHE B 74 -9.81 11.13 -6.64
N PHE B 75 -10.38 11.61 -5.53
CA PHE B 75 -10.38 10.84 -4.29
C PHE B 75 -11.10 9.52 -4.45
N GLU B 76 -12.26 9.56 -5.09
CA GLU B 76 -13.05 8.33 -5.26
C GLU B 76 -12.26 7.27 -6.03
N GLU B 77 -11.70 7.67 -7.17
CA GLU B 77 -10.97 6.77 -8.03
C GLU B 77 -9.69 6.23 -7.36
N ALA B 78 -9.07 7.08 -6.53
CA ALA B 78 -7.85 6.69 -5.83
C ALA B 78 -8.14 5.84 -4.59
N GLY B 79 -9.40 5.59 -4.31
CA GLY B 79 -9.78 4.78 -3.17
C GLY B 79 -9.55 5.49 -1.85
N TRP B 80 -9.49 6.81 -1.90
CA TRP B 80 -9.26 7.60 -0.68
C TRP B 80 -10.55 7.93 0.08
N GLY B 81 -11.69 7.61 -0.53
CA GLY B 81 -12.97 7.84 0.12
C GLY B 81 -13.84 8.87 -0.56
N THR B 82 -14.96 9.17 0.07
CA THR B 82 -15.91 10.14 -0.45
C THR B 82 -15.63 11.53 0.13
N LEU B 83 -15.12 12.43 -0.72
CA LEU B 83 -14.75 13.77 -0.32
C LEU B 83 -15.84 14.76 -0.73
N THR B 84 -16.28 15.60 0.22
CA THR B 84 -17.28 16.62 -0.10
C THR B 84 -16.81 17.99 0.35
N ASN B 85 -16.91 18.97 -0.54
CA ASN B 85 -16.66 20.35 -0.14
C ASN B 85 -17.87 20.84 0.65
N VAL B 86 -17.64 21.36 1.85
CA VAL B 86 -18.75 21.78 2.70
C VAL B 86 -18.74 23.27 3.01
N SER B 87 -17.62 23.94 2.73
CA SER B 87 -17.60 25.39 2.82
C SER B 87 -16.46 26.03 2.01
N ALA B 88 -16.60 27.32 1.74
CA ALA B 88 -15.57 28.07 1.05
C ALA B 88 -15.46 29.46 1.63
N LYS B 89 -14.96 29.54 2.86
CA LYS B 89 -14.76 30.82 3.54
C LYS B 89 -13.55 31.54 2.95
N LYS B 90 -13.26 32.72 3.47
CA LYS B 90 -12.17 33.55 2.94
C LYS B 90 -10.82 32.83 2.95
N GLN B 91 -10.22 32.68 1.77
CA GLN B 91 -8.89 32.06 1.65
C GLN B 91 -8.81 30.67 2.25
N GLU B 92 -9.90 29.92 2.13
CA GLU B 92 -9.98 28.61 2.73
C GLU B 92 -11.02 27.75 2.01
N LEU B 93 -10.80 26.44 2.05
CA LEU B 93 -11.78 25.46 1.59
C LEU B 93 -11.86 24.37 2.65
N GLU B 94 -13.08 23.98 3.01
CA GLU B 94 -13.27 22.93 3.99
C GLU B 94 -13.90 21.71 3.33
N PHE B 95 -13.31 20.54 3.58
CA PHE B 95 -13.82 19.29 3.02
C PHE B 95 -14.14 18.29 4.10
N GLU B 96 -15.09 17.40 3.83
CA GLU B 96 -15.28 16.23 4.68
C GLU B 96 -14.92 14.99 3.89
N LEU B 97 -14.34 14.01 4.59
CA LEU B 97 -13.96 12.76 3.97
C LEU B 97 -14.57 11.62 4.79
N GLU B 98 -15.31 10.73 4.12
CA GLU B 98 -15.95 9.61 4.83
C GLU B 98 -16.16 8.42 3.91
N GLY B 99 -16.65 7.32 4.47
CA GLY B 99 -16.93 6.13 3.68
C GLY B 99 -16.61 4.86 4.46
N PRO B 100 -17.02 3.71 3.93
CA PRO B 100 -16.88 2.44 4.68
C PRO B 100 -15.44 2.15 5.14
N ILE B 101 -14.44 2.37 4.28
CA ILE B 101 -13.07 2.08 4.68
C ILE B 101 -12.58 3.04 5.76
N ILE B 102 -12.94 4.31 5.62
CA ILE B 102 -12.59 5.32 6.61
C ILE B 102 -13.25 5.02 7.94
N SER B 103 -14.51 4.62 7.90
CA SER B 103 -15.26 4.30 9.12
C SER B 103 -14.57 3.19 9.89
N ASN B 104 -14.10 2.19 9.16
CA ASN B 104 -13.41 1.07 9.81
C ASN B 104 -12.11 1.52 10.47
N ARG B 105 -11.39 2.43 9.82
CA ARG B 105 -10.21 3.03 10.43
C ARG B 105 -10.54 3.82 11.70
N LEU B 106 -11.58 4.64 11.64
CA LEU B 106 -11.94 5.47 12.78
C LEU B 106 -12.40 4.59 13.95
N LYS B 107 -13.01 3.45 13.61
CA LYS B 107 -13.55 2.56 14.62
C LYS B 107 -12.46 1.86 15.41
N HIS B 108 -11.41 1.41 14.72
CA HIS B 108 -10.41 0.51 15.32
C HIS B 108 -9.03 1.10 15.57
N GLN B 109 -8.72 2.22 14.92
CA GLN B 109 -7.41 2.84 15.06
C GLN B 109 -7.38 3.93 16.12
N LYS B 110 -6.34 3.90 16.95
CA LYS B 110 -6.09 4.90 17.98
C LYS B 110 -6.00 6.29 17.36
N GLU B 111 -5.12 6.45 16.37
CA GLU B 111 -4.98 7.73 15.70
C GLU B 111 -4.86 7.57 14.19
N PRO B 112 -6.02 7.51 13.52
CA PRO B 112 -6.07 7.47 12.05
C PRO B 112 -5.36 8.71 11.51
N CYS B 113 -4.74 8.57 10.35
CA CYS B 113 -3.91 9.63 9.79
C CYS B 113 -4.29 9.86 8.34
N PHE B 114 -4.52 11.12 7.98
CA PHE B 114 -4.93 11.47 6.62
C PHE B 114 -4.02 12.53 6.02
N GLN B 115 -2.74 12.46 6.38
CA GLN B 115 -1.74 13.41 5.92
C GLN B 115 -1.45 13.31 4.42
N LEU B 116 -1.56 12.12 3.85
CA LEU B 116 -1.39 11.99 2.39
C LEU B 116 -2.44 12.85 1.69
N GLU B 117 -3.70 12.67 2.09
CA GLU B 117 -4.82 13.41 1.53
C GLU B 117 -4.67 14.92 1.74
N ALA B 118 -4.22 15.30 2.93
CA ALA B 118 -4.04 16.70 3.28
C ALA B 118 -2.95 17.36 2.43
N GLY B 119 -1.84 16.67 2.24
CA GLY B 119 -0.73 17.20 1.48
C GLY B 119 -1.11 17.35 0.02
N PHE B 120 -1.84 16.36 -0.48
CA PHE B 120 -2.29 16.37 -1.86
C PHE B 120 -3.15 17.61 -2.12
N ILE B 121 -4.11 17.88 -1.22
CA ILE B 121 -4.99 19.03 -1.39
C ILE B 121 -4.22 20.34 -1.27
N ALA B 122 -3.32 20.41 -0.30
CA ALA B 122 -2.53 21.62 -0.09
C ALA B 122 -1.74 21.98 -1.35
N GLU B 123 -1.04 21.01 -1.90
CA GLU B 123 -0.21 21.27 -3.09
C GLU B 123 -1.05 21.56 -4.34
N GLN B 124 -2.19 20.87 -4.51
CA GLN B 124 -3.04 21.18 -5.66
C GLN B 124 -3.46 22.64 -5.62
N ILE B 125 -3.88 23.10 -4.44
CA ILE B 125 -4.31 24.49 -4.30
C ILE B 125 -3.17 25.46 -4.54
N GLN B 126 -2.00 25.13 -4.03
CA GLN B 126 -0.84 26.00 -4.18
C GLN B 126 -0.44 26.14 -5.65
N LEU B 127 -0.59 25.06 -6.41
CA LEU B 127 -0.26 25.07 -7.84
C LEU B 127 -1.31 25.85 -8.63
N MSE B 128 -2.50 25.93 -8.06
CA MSE B 128 -3.60 26.66 -8.71
C MSE B 128 -3.46 28.18 -8.57
O MSE B 128 -3.63 28.91 -9.56
CB MSE B 128 -4.94 26.23 -8.13
CG MSE B 128 -5.44 24.93 -8.68
SE MSE B 128 -7.11 24.40 -7.81
CE MSE B 128 -6.90 22.46 -7.95
N ASN B 129 -3.19 28.65 -7.36
CA ASN B 129 -3.20 30.09 -7.11
C ASN B 129 -1.81 30.70 -6.85
N ASP B 130 -0.78 29.87 -6.91
CA ASP B 130 0.60 30.35 -6.78
C ASP B 130 0.87 31.01 -5.43
N GLN B 131 0.11 30.62 -4.41
CA GLN B 131 0.30 31.15 -3.06
C GLN B 131 0.53 29.99 -2.11
N ILE B 132 1.21 30.26 -1.00
CA ILE B 132 1.51 29.20 -0.02
C ILE B 132 0.23 28.64 0.58
N ALA B 133 0.04 27.33 0.47
CA ALA B 133 -1.13 26.67 1.01
C ALA B 133 -0.71 25.50 1.89
N GLU B 134 -1.46 25.28 2.95
CA GLU B 134 -1.27 24.09 3.78
C GLU B 134 -2.65 23.54 4.20
N SER B 135 -2.70 22.24 4.48
CA SER B 135 -3.94 21.60 4.91
C SER B 135 -3.83 21.08 6.33
N TYR B 136 -4.97 21.13 7.01
CA TYR B 136 -5.07 20.75 8.42
C TYR B 136 -6.15 19.70 8.56
N GLU B 137 -5.87 18.67 9.36
CA GLU B 137 -6.79 17.54 9.46
C GLU B 137 -7.42 17.49 10.85
N GLN B 138 -8.70 17.15 10.90
CA GLN B 138 -9.39 16.90 12.17
C GLN B 138 -10.23 15.63 12.07
N VAL B 139 -9.80 14.57 12.75
CA VAL B 139 -10.60 13.36 12.79
C VAL B 139 -11.73 13.54 13.78
N LYS B 140 -12.97 13.34 13.34
CA LYS B 140 -14.15 13.49 14.19
C LYS B 140 -14.89 12.15 14.33
N LYS B 141 -14.41 11.30 15.23
CA LYS B 141 -15.00 9.98 15.41
C LYS B 141 -16.49 10.04 15.74
N ARG B 142 -16.90 11.05 16.49
CA ARG B 142 -18.30 11.16 16.90
C ARG B 142 -19.23 11.53 15.74
N ALA B 143 -18.65 11.92 14.61
CA ALA B 143 -19.45 12.20 13.42
C ALA B 143 -19.03 11.28 12.27
N ASP B 144 -18.17 10.32 12.62
CA ASP B 144 -17.67 9.32 11.68
C ASP B 144 -17.12 9.96 10.41
N LYS B 145 -16.28 10.98 10.56
CA LYS B 145 -15.77 11.66 9.39
C LYS B 145 -14.43 12.31 9.72
N VAL B 146 -13.71 12.70 8.67
CA VAL B 146 -12.50 13.48 8.80
C VAL B 146 -12.71 14.82 8.11
N VAL B 147 -12.26 15.90 8.74
CA VAL B 147 -12.37 17.23 8.14
C VAL B 147 -11.00 17.66 7.66
N LEU B 148 -10.89 18.06 6.41
CA LEU B 148 -9.65 18.53 5.85
C LEU B 148 -9.86 19.98 5.46
N THR B 149 -9.07 20.88 6.02
CA THR B 149 -9.22 22.30 5.74
C THR B 149 -7.93 22.82 5.12
N VAL B 150 -8.04 23.51 3.99
CA VAL B 150 -6.85 24.03 3.35
C VAL B 150 -6.95 25.55 3.35
N LYS B 151 -5.85 26.20 3.74
CA LYS B 151 -5.81 27.66 3.83
C LYS B 151 -4.61 28.17 3.03
N TRP B 152 -4.76 29.35 2.42
CA TRP B 152 -3.67 29.94 1.65
C TRP B 152 -3.48 31.43 1.94
N ASP B 153 -2.29 31.96 1.65
CA ASP B 153 -1.98 33.37 1.92
C ASP B 153 -1.32 34.10 0.75
#